data_1U8Q
#
_entry.id   1U8Q
#
_cell.length_a   57.800
_cell.length_b   65.000
_cell.length_c   176.900
_cell.angle_alpha   90.00
_cell.angle_beta   90.00
_cell.angle_gamma   90.00
#
_symmetry.space_group_name_H-M   'P 21 21 21'
#
loop_
_entity.id
_entity.type
_entity.pdbx_description
1 polymer 'ANTIBODY 2F5 (LIGHT CHAIN)'
2 polymer 'ANTIBODY 2F5 (HEAVY CHAIN)'
3 polymer 'GP41 PEPTIDE'
4 water water
#
loop_
_entity_poly.entity_id
_entity_poly.type
_entity_poly.pdbx_seq_one_letter_code
_entity_poly.pdbx_strand_id
1 'polypeptide(L)'
;ALQLTQSPSSLSASVGDRITITCRASQGVTSALAWYRQKPGSPPQLLIYDASSLESGVPSRFSGSGSGTEFTLTISTLRP
EDFATYYCQQLHFYPHTFGGGTRVDVRRTVAAPSVFIFPPSDEQLKSGTASVVCLLNNFYPREAKVQWKVDNALQSGNSQ
ESVTEQDSKDSTYSLSSTLTLSKADYEKHKVYECEVTHQGLSSPVTKSFNRGEC
;
A
2 'polypeptide(L)'
;RITLKESGPPLVKPTQTLTLTCSFSGFSLSDFGVGVGWIRQPPGKALEWLAIIYSDDDKRYSPSLNTRLTITKDTSKNQV
VLVMTRVSPVDTATYFCAHRRGPTTLFGVPIARGPVNAMDVWGQGITVTISSTSTKGPSVFPLAPSSKSTAGAAAALGCL
VKDYFPEPVTVSWNSGALTSGVHTFPAVLQSSGLYSLSSVVTVPSSSLGTQTYTCNVNHKPSNTKVDKRVEPKSC
;
B
3 'polypeptide(L)' ELEKWAS C
#
# COMPACT_ATOMS: atom_id res chain seq x y z
N ALA A 1 -15.65 16.99 -5.30
CA ALA A 1 -14.56 18.01 -5.25
C ALA A 1 -13.56 17.96 -6.42
N LEU A 2 -12.52 18.78 -6.27
CA LEU A 2 -11.43 18.91 -7.21
C LEU A 2 -10.74 17.58 -7.43
N GLN A 3 -10.46 17.26 -8.69
CA GLN A 3 -9.83 16.01 -9.03
C GLN A 3 -8.40 16.25 -9.52
N LEU A 4 -7.46 15.42 -9.08
CA LEU A 4 -6.06 15.47 -9.52
C LEU A 4 -5.74 14.12 -10.11
N THR A 5 -5.49 14.08 -11.40
CA THR A 5 -5.21 12.82 -12.07
C THR A 5 -3.75 12.70 -12.47
N GLN A 6 -3.01 11.70 -11.97
CA GLN A 6 -1.58 11.56 -12.37
C GLN A 6 -1.44 10.67 -13.57
N SER A 7 -0.44 10.89 -14.42
CA SER A 7 -0.19 9.98 -15.54
C SER A 7 1.29 9.86 -15.69
N PRO A 8 1.80 8.62 -15.95
CA PRO A 8 0.94 7.43 -16.05
C PRO A 8 0.81 6.96 -14.63
N SER A 9 -0.08 6.00 -14.39
CA SER A 9 -0.21 5.51 -13.03
C SER A 9 1.05 4.67 -12.67
N SER A 10 1.63 4.00 -13.66
CA SER A 10 2.81 3.17 -13.45
C SER A 10 3.77 3.42 -14.60
N LEU A 11 5.07 3.28 -14.37
CA LEU A 11 6.02 3.61 -15.43
C LEU A 11 7.26 2.82 -15.20
N SER A 12 7.81 2.22 -16.26
CA SER A 12 9.07 1.44 -16.09
C SER A 12 10.23 2.24 -16.66
N ALA A 13 11.41 2.09 -16.07
CA ALA A 13 12.55 2.87 -16.54
C ALA A 13 13.84 2.27 -16.06
N SER A 14 14.95 2.77 -16.56
CA SER A 14 16.23 2.26 -16.12
C SER A 14 17.08 3.41 -15.61
N VAL A 15 18.09 3.10 -14.82
CA VAL A 15 19.00 4.08 -14.27
C VAL A 15 19.56 4.89 -15.47
N GLY A 16 19.57 6.21 -15.33
CA GLY A 16 20.04 7.05 -16.40
C GLY A 16 18.91 7.56 -17.25
N ASP A 17 17.71 6.99 -17.19
CA ASP A 17 16.68 7.56 -18.05
C ASP A 17 16.16 8.94 -17.58
N ARG A 18 15.42 9.60 -18.47
CA ARG A 18 14.79 10.84 -18.18
C ARG A 18 13.33 10.48 -18.13
N ILE A 19 12.64 10.77 -17.04
CA ILE A 19 11.23 10.46 -17.01
C ILE A 19 10.44 11.70 -16.68
N THR A 20 9.17 11.71 -17.06
CA THR A 20 8.41 12.85 -16.70
C THR A 20 7.07 12.29 -16.34
N ILE A 21 6.54 12.79 -15.22
CA ILE A 21 5.27 12.36 -14.65
C ILE A 21 4.38 13.60 -14.77
N THR A 22 3.13 13.42 -15.10
CA THR A 22 2.29 14.61 -15.20
C THR A 22 1.06 14.55 -14.28
N CYS A 23 0.53 15.70 -13.89
CA CYS A 23 -0.60 15.75 -12.98
C CYS A 23 -1.55 16.82 -13.49
N ARG A 24 -2.80 16.47 -13.68
CA ARG A 24 -3.79 17.40 -14.22
C ARG A 24 -4.91 17.62 -13.22
N ALA A 25 -5.30 18.88 -13.04
CA ALA A 25 -6.35 19.20 -12.09
C ALA A 25 -7.66 19.51 -12.80
N SER A 26 -8.78 19.17 -12.18
CA SER A 26 -10.09 19.43 -12.80
C SER A 26 -10.48 20.90 -12.88
N GLN A 27 -9.89 21.75 -12.02
CA GLN A 27 -10.12 23.21 -12.00
C GLN A 27 -8.72 23.77 -11.73
N GLY A 28 -8.47 25.01 -12.12
CA GLY A 28 -7.13 25.59 -11.94
C GLY A 28 -6.73 25.76 -10.49
N VAL A 29 -5.49 25.38 -10.17
CA VAL A 29 -4.96 25.47 -8.81
C VAL A 29 -3.80 26.47 -8.77
N THR A 30 -3.72 27.37 -9.75
CA THR A 30 -2.66 28.36 -9.84
C THR A 30 -1.33 27.63 -9.73
N SER A 31 -0.39 28.09 -8.90
CA SER A 31 0.89 27.41 -8.76
C SER A 31 0.99 26.59 -7.46
N ALA A 32 -0.15 26.42 -6.77
CA ALA A 32 -0.15 25.74 -5.47
C ALA A 32 -0.15 24.21 -5.61
N LEU A 33 1.00 23.69 -5.99
CA LEU A 33 1.12 22.28 -6.24
C LEU A 33 2.45 21.79 -5.81
N ALA A 34 2.49 20.62 -5.18
CA ALA A 34 3.74 20.11 -4.70
C ALA A 34 3.98 18.69 -5.18
N TRP A 35 5.25 18.30 -5.38
CA TRP A 35 5.56 16.93 -5.76
C TRP A 35 6.33 16.25 -4.67
N TYR A 36 6.07 14.96 -4.49
CA TYR A 36 6.75 14.16 -3.46
C TYR A 36 7.20 12.83 -4.02
N ARG A 37 8.24 12.28 -3.41
CA ARG A 37 8.73 10.97 -3.78
C ARG A 37 8.58 10.14 -2.50
N GLN A 38 8.04 8.95 -2.61
CA GLN A 38 7.91 8.12 -1.41
C GLN A 38 8.49 6.75 -1.70
N LYS A 39 9.48 6.38 -0.92
CA LYS A 39 10.12 5.10 -1.07
C LYS A 39 9.38 4.13 -0.18
N PRO A 40 9.38 2.84 -0.55
CA PRO A 40 8.69 1.87 0.29
C PRO A 40 9.10 1.98 1.77
N GLY A 41 8.12 1.83 2.65
CA GLY A 41 8.36 1.91 4.09
C GLY A 41 8.70 3.29 4.68
N SER A 42 8.76 4.32 3.85
CA SER A 42 9.11 5.65 4.35
C SER A 42 8.01 6.67 4.09
N PRO A 43 8.09 7.84 4.76
CA PRO A 43 7.07 8.87 4.53
C PRO A 43 7.35 9.58 3.20
N PRO A 44 6.37 10.28 2.65
CA PRO A 44 6.66 10.98 1.39
C PRO A 44 7.74 12.05 1.65
N GLN A 45 8.55 12.40 0.65
CA GLN A 45 9.56 13.44 0.85
C GLN A 45 9.28 14.51 -0.20
N LEU A 46 9.26 15.76 0.26
CA LEU A 46 9.03 16.93 -0.60
C LEU A 46 10.16 17.11 -1.62
N LEU A 47 9.84 17.22 -2.90
CA LEU A 47 10.84 17.46 -3.94
C LEU A 47 10.71 18.88 -4.46
N ILE A 48 9.49 19.26 -4.86
CA ILE A 48 9.18 20.53 -5.50
C ILE A 48 7.95 21.14 -4.83
N TYR A 49 8.04 22.41 -4.47
CA TYR A 49 6.91 23.16 -3.87
C TYR A 49 6.54 24.32 -4.78
N ASP A 50 5.29 24.77 -4.69
CA ASP A 50 4.85 25.91 -5.49
C ASP A 50 5.11 25.64 -6.98
N ALA A 51 4.74 24.44 -7.45
CA ALA A 51 4.88 23.98 -8.88
C ALA A 51 6.26 23.86 -9.47
N SER A 52 7.17 24.77 -9.12
CA SER A 52 8.47 24.65 -9.74
C SER A 52 9.66 24.94 -8.85
N SER A 53 9.45 25.34 -7.58
CA SER A 53 10.63 25.67 -6.75
C SER A 53 11.30 24.39 -6.22
N LEU A 54 12.64 24.33 -6.29
CA LEU A 54 13.34 23.16 -5.84
C LEU A 54 13.47 23.22 -4.35
N GLU A 55 13.00 22.19 -3.65
CA GLU A 55 13.10 22.18 -2.20
C GLU A 55 14.56 22.05 -1.80
N SER A 56 14.92 22.73 -0.72
CA SER A 56 16.29 22.73 -0.23
C SER A 56 16.81 21.34 0.13
N GLY A 57 17.97 20.99 -0.44
CA GLY A 57 18.55 19.70 -0.15
C GLY A 57 18.11 18.64 -1.11
N VAL A 58 17.21 19.01 -2.04
CA VAL A 58 16.75 18.05 -3.03
C VAL A 58 17.67 18.13 -4.26
N PRO A 59 18.11 16.98 -4.77
CA PRO A 59 19.01 16.99 -5.94
C PRO A 59 18.46 17.66 -7.18
N SER A 60 19.37 18.34 -7.88
CA SER A 60 19.00 19.11 -9.05
C SER A 60 18.44 18.33 -10.22
N ARG A 61 18.59 17.02 -10.28
CA ARG A 61 17.98 16.29 -11.40
C ARG A 61 16.46 16.37 -11.36
N PHE A 62 15.90 16.84 -10.25
CA PHE A 62 14.43 16.92 -10.16
C PHE A 62 13.99 18.28 -10.59
N SER A 63 12.97 18.30 -11.42
CA SER A 63 12.47 19.57 -11.90
C SER A 63 10.96 19.59 -12.01
N GLY A 64 10.35 20.72 -11.67
CA GLY A 64 8.92 20.79 -11.85
C GLY A 64 8.51 22.03 -12.63
N SER A 65 7.52 21.89 -13.53
CA SER A 65 7.00 23.02 -14.29
C SER A 65 5.46 22.94 -14.44
N GLY A 66 4.87 24.00 -14.97
CA GLY A 66 3.44 24.09 -15.18
C GLY A 66 2.73 24.94 -14.13
N SER A 67 1.47 25.30 -14.42
CA SER A 67 0.60 26.09 -13.53
C SER A 67 -0.86 25.92 -14.02
N GLY A 68 -1.87 26.32 -13.25
CA GLY A 68 -3.24 26.14 -13.72
C GLY A 68 -3.79 24.73 -13.56
N THR A 69 -3.88 23.97 -14.66
CA THR A 69 -4.40 22.62 -14.60
C THR A 69 -3.44 21.54 -15.03
N GLU A 70 -2.26 21.90 -15.48
CA GLU A 70 -1.35 20.87 -15.93
C GLU A 70 0.07 21.04 -15.41
N PHE A 71 0.60 20.02 -14.73
CA PHE A 71 1.92 20.09 -14.14
C PHE A 71 2.70 18.84 -14.49
N THR A 72 4.01 19.00 -14.49
CA THR A 72 4.92 17.91 -14.79
C THR A 72 6.14 17.95 -13.88
N LEU A 73 6.60 16.76 -13.54
CA LEU A 73 7.80 16.54 -12.72
C LEU A 73 8.73 15.78 -13.67
N THR A 74 9.97 16.22 -13.82
CA THR A 74 10.79 15.41 -14.62
C THR A 74 12.03 15.13 -13.85
N ILE A 75 12.54 13.91 -13.96
CA ILE A 75 13.75 13.56 -13.29
C ILE A 75 14.62 13.40 -14.52
N SER A 76 15.70 14.17 -14.59
CA SER A 76 16.50 14.16 -15.81
C SER A 76 17.38 12.92 -15.98
N THR A 77 18.02 12.46 -14.89
CA THR A 77 18.87 11.27 -14.93
C THR A 77 18.48 10.37 -13.75
N LEU A 78 17.55 9.43 -13.97
CA LEU A 78 17.10 8.51 -12.91
C LEU A 78 18.19 7.79 -12.16
N ARG A 79 18.19 7.88 -10.83
CA ARG A 79 19.17 7.20 -9.99
C ARG A 79 18.43 6.02 -9.30
N PRO A 80 19.16 5.01 -8.76
CA PRO A 80 18.49 3.88 -8.10
C PRO A 80 17.47 4.24 -7.01
N GLU A 81 17.75 5.26 -6.23
CA GLU A 81 16.83 5.69 -5.20
C GLU A 81 15.53 6.28 -5.74
N ASP A 82 15.43 6.49 -7.06
CA ASP A 82 14.23 7.08 -7.63
C ASP A 82 13.16 6.07 -8.03
N PHE A 83 13.46 4.79 -7.82
CA PHE A 83 12.50 3.74 -8.14
C PHE A 83 11.62 3.88 -6.92
N ALA A 84 10.41 4.37 -7.15
CA ALA A 84 9.58 4.67 -6.02
C ALA A 84 8.26 5.11 -6.56
N THR A 85 7.40 5.61 -5.66
CA THR A 85 6.09 6.13 -6.07
C THR A 85 6.07 7.66 -5.86
N TYR A 86 5.61 8.39 -6.85
CA TYR A 86 5.56 9.83 -6.79
C TYR A 86 4.14 10.33 -6.67
N TYR A 87 3.96 11.40 -5.89
CA TYR A 87 2.63 11.97 -5.75
C TYR A 87 2.60 13.46 -5.97
N CYS A 88 1.52 13.99 -6.54
CA CYS A 88 1.42 15.46 -6.62
C CYS A 88 0.33 15.82 -5.60
N GLN A 89 0.34 17.05 -5.08
CA GLN A 89 -0.65 17.56 -4.11
C GLN A 89 -1.02 19.01 -4.44
N GLN A 90 -2.29 19.27 -4.44
CA GLN A 90 -2.83 20.55 -4.74
C GLN A 90 -3.10 21.24 -3.36
N LEU A 91 -2.77 22.53 -3.20
CA LEU A 91 -3.01 23.28 -1.97
C LEU A 91 -3.74 24.63 -2.17
N HIS A 92 -4.45 24.74 -3.27
CA HIS A 92 -5.22 25.95 -3.61
C HIS A 92 -6.62 25.92 -3.03
N PHE A 93 -7.23 24.72 -3.01
CA PHE A 93 -8.60 24.52 -2.52
C PHE A 93 -8.64 23.46 -1.44
N TYR A 94 -9.53 23.61 -0.45
CA TYR A 94 -9.70 22.60 0.58
C TYR A 94 -10.77 21.68 0.02
N PRO A 95 -10.60 20.36 0.19
CA PRO A 95 -9.47 19.74 0.87
C PRO A 95 -8.25 19.75 -0.08
N HIS A 96 -7.05 19.75 0.53
CA HIS A 96 -5.77 19.73 -0.16
C HIS A 96 -5.41 18.39 -0.80
N THR A 97 -6.12 18.00 -1.85
CA THR A 97 -5.94 16.74 -2.59
C THR A 97 -4.61 16.22 -3.06
N PHE A 98 -4.50 14.91 -3.08
CA PHE A 98 -3.33 14.22 -3.57
C PHE A 98 -3.72 13.49 -4.83
N GLY A 99 -2.78 13.35 -5.77
CA GLY A 99 -3.07 12.55 -6.95
C GLY A 99 -2.99 11.05 -6.59
N GLY A 100 -3.31 10.18 -7.53
CA GLY A 100 -3.33 8.73 -7.27
C GLY A 100 -1.97 8.12 -7.17
N GLY A 101 -0.95 8.87 -7.52
CA GLY A 101 0.39 8.30 -7.46
C GLY A 101 0.90 7.65 -8.75
N THR A 102 2.20 7.69 -8.99
CA THR A 102 2.71 6.97 -10.13
C THR A 102 3.91 6.20 -9.64
N ARG A 103 3.87 4.88 -9.86
CA ARG A 103 4.91 3.93 -9.44
C ARG A 103 5.99 3.87 -10.51
N VAL A 104 7.26 4.03 -10.12
CA VAL A 104 8.29 3.99 -11.11
C VAL A 104 9.09 2.74 -10.72
N ASP A 105 9.18 1.75 -11.62
CA ASP A 105 9.91 0.53 -11.29
C ASP A 105 10.98 0.16 -12.37
N VAL A 106 11.86 -0.79 -12.05
CA VAL A 106 12.95 -1.21 -12.91
C VAL A 106 12.41 -1.87 -14.18
N ARG A 107 12.73 -1.33 -15.36
CA ARG A 107 12.24 -1.94 -16.59
C ARG A 107 13.01 -3.24 -16.87
N ARG A 108 12.35 -4.19 -17.49
CA ARG A 108 12.99 -5.46 -17.87
C ARG A 108 12.06 -5.96 -18.95
N THR A 109 12.28 -7.39 -19.79
CA THR A 109 11.50 -7.95 -20.89
C THR A 109 10.18 -8.53 -20.38
N VAL A 110 9.37 -8.19 -21.04
CA VAL A 110 8.09 -8.72 -20.69
C VAL A 110 8.22 -10.21 -20.36
N ALA A 111 7.57 -10.64 -19.28
CA ALA A 111 7.57 -12.02 -18.89
C ALA A 111 6.18 -12.40 -18.42
N ALA A 112 5.61 -13.42 -19.05
CA ALA A 112 4.28 -13.90 -18.70
C ALA A 112 4.37 -14.66 -17.39
N PRO A 113 3.27 -14.69 -16.65
CA PRO A 113 3.32 -15.42 -15.36
C PRO A 113 3.22 -16.91 -15.53
N SER A 114 3.81 -17.68 -14.62
CA SER A 114 3.63 -19.14 -14.64
C SER A 114 2.43 -19.20 -13.68
N VAL A 115 1.34 -19.83 -14.11
CA VAL A 115 0.14 -19.88 -13.30
C VAL A 115 -0.08 -21.26 -12.73
N PHE A 116 -0.53 -21.31 -11.46
CA PHE A 116 -0.81 -22.55 -10.73
C PHE A 116 -2.10 -22.37 -9.91
N ILE A 117 -2.92 -23.42 -9.82
CA ILE A 117 -4.14 -23.38 -9.07
C ILE A 117 -4.08 -24.47 -8.00
N PHE A 118 -4.41 -24.11 -6.77
CA PHE A 118 -4.33 -25.02 -5.68
C PHE A 118 -5.70 -25.25 -5.08
N PRO A 119 -6.15 -26.52 -4.98
CA PRO A 119 -7.48 -26.78 -4.39
C PRO A 119 -7.36 -26.70 -2.89
N PRO A 120 -8.49 -26.59 -2.20
CA PRO A 120 -8.36 -26.51 -0.74
C PRO A 120 -7.94 -27.86 -0.14
N SER A 121 -7.16 -27.80 0.93
CA SER A 121 -6.72 -29.02 1.61
C SER A 121 -7.92 -29.69 2.33
N ASP A 122 -7.87 -31.01 2.41
CA ASP A 122 -8.88 -31.77 3.11
C ASP A 122 -8.88 -31.32 4.53
N GLU A 123 -7.72 -30.91 5.03
CA GLU A 123 -7.64 -30.47 6.41
C GLU A 123 -8.48 -29.20 6.62
N GLN A 124 -8.39 -28.26 5.66
CA GLN A 124 -9.19 -27.03 5.81
C GLN A 124 -10.67 -27.40 5.70
N LEU A 125 -11.01 -28.16 4.67
CA LEU A 125 -12.41 -28.57 4.46
C LEU A 125 -13.10 -29.11 5.75
N LYS A 126 -12.38 -29.89 6.55
CA LYS A 126 -12.93 -30.42 7.81
C LYS A 126 -13.30 -29.32 8.77
N SER A 127 -12.71 -28.14 8.61
CA SER A 127 -13.06 -27.03 9.50
C SER A 127 -14.23 -26.25 8.93
N GLY A 128 -14.72 -26.67 7.76
CA GLY A 128 -15.86 -25.99 7.18
C GLY A 128 -15.60 -24.87 6.17
N THR A 129 -14.34 -24.53 5.91
CA THR A 129 -14.08 -23.49 4.92
C THR A 129 -13.24 -24.03 3.76
N ALA A 130 -13.34 -23.37 2.62
CA ALA A 130 -12.62 -23.81 1.47
C ALA A 130 -11.90 -22.64 0.81
N SER A 131 -10.57 -22.71 0.78
CA SER A 131 -9.78 -21.67 0.13
C SER A 131 -9.16 -22.17 -1.16
N VAL A 132 -9.43 -21.49 -2.26
CA VAL A 132 -8.83 -21.90 -3.49
C VAL A 132 -7.83 -20.81 -3.80
N VAL A 133 -6.55 -21.18 -3.96
CA VAL A 133 -5.55 -20.18 -4.27
C VAL A 133 -4.97 -20.31 -5.65
N CYS A 134 -4.72 -19.15 -6.25
CA CYS A 134 -4.16 -19.09 -7.58
C CYS A 134 -2.87 -18.34 -7.48
N LEU A 135 -1.82 -18.86 -8.10
CA LEU A 135 -0.55 -18.18 -8.07
C LEU A 135 -0.10 -17.77 -9.47
N LEU A 136 0.34 -16.52 -9.60
CA LEU A 136 0.91 -15.97 -10.83
C LEU A 136 2.33 -15.70 -10.40
N ASN A 137 3.27 -16.49 -10.92
CA ASN A 137 4.67 -16.39 -10.53
C ASN A 137 5.62 -15.68 -11.51
N ASN A 138 6.47 -14.81 -10.98
CA ASN A 138 7.47 -14.09 -11.78
C ASN A 138 7.02 -13.49 -13.14
N PHE A 139 6.16 -12.47 -13.11
CA PHE A 139 5.73 -11.87 -14.38
C PHE A 139 6.16 -10.39 -14.43
N TYR A 140 5.97 -9.76 -15.59
CA TYR A 140 6.31 -8.34 -15.79
C TYR A 140 5.71 -7.92 -17.12
N PRO A 141 5.09 -6.72 -17.18
CA PRO A 141 4.92 -5.74 -16.11
C PRO A 141 3.94 -6.14 -15.00
N ARG A 142 3.87 -5.30 -13.96
CA ARG A 142 3.05 -5.57 -12.82
C ARG A 142 1.56 -5.80 -13.02
N GLU A 143 0.93 -5.12 -13.95
CA GLU A 143 -0.48 -5.28 -14.12
C GLU A 143 -0.88 -6.70 -14.61
N ALA A 144 -1.82 -7.30 -13.89
CA ALA A 144 -2.29 -8.64 -14.21
C ALA A 144 -3.71 -8.64 -13.75
N LYS A 145 -4.55 -9.47 -14.36
CA LYS A 145 -5.94 -9.58 -13.97
C LYS A 145 -6.31 -11.06 -13.80
N VAL A 146 -6.86 -11.35 -12.62
CA VAL A 146 -7.26 -12.68 -12.24
C VAL A 146 -8.75 -12.69 -12.12
N GLN A 147 -9.37 -13.67 -12.78
CA GLN A 147 -10.82 -13.84 -12.73
C GLN A 147 -11.19 -15.26 -12.30
N TRP A 148 -11.89 -15.41 -11.19
CA TRP A 148 -12.29 -16.73 -10.74
C TRP A 148 -13.60 -17.11 -11.38
N LYS A 149 -13.69 -18.38 -11.78
CA LYS A 149 -14.91 -18.92 -12.35
C LYS A 149 -15.18 -20.28 -11.67
N VAL A 150 -16.41 -20.52 -11.28
CA VAL A 150 -16.85 -21.73 -10.65
C VAL A 150 -17.98 -22.27 -11.54
N ASP A 151 -17.84 -23.48 -12.10
CA ASP A 151 -18.88 -24.01 -13.00
C ASP A 151 -19.31 -22.88 -13.96
N ASN A 152 -18.33 -22.17 -14.49
CA ASN A 152 -18.54 -21.07 -15.41
C ASN A 152 -19.16 -19.81 -14.91
N ALA A 153 -19.48 -19.74 -13.62
CA ALA A 153 -20.05 -18.50 -13.09
C ALA A 153 -18.88 -17.62 -12.72
N LEU A 154 -18.98 -16.36 -13.12
CA LEU A 154 -17.96 -15.37 -12.84
C LEU A 154 -18.02 -15.06 -11.34
N GLN A 155 -16.90 -15.14 -10.62
CA GLN A 155 -16.98 -14.87 -9.19
C GLN A 155 -16.71 -13.40 -8.87
N SER A 156 -17.33 -12.90 -7.80
CA SER A 156 -17.09 -11.53 -7.46
C SER A 156 -17.33 -11.28 -5.96
N GLY A 157 -16.44 -10.52 -5.35
CA GLY A 157 -16.60 -10.18 -3.95
C GLY A 157 -16.17 -11.26 -2.98
N ASN A 158 -15.66 -12.37 -3.48
CA ASN A 158 -15.24 -13.45 -2.57
C ASN A 158 -13.76 -13.90 -2.71
N SER A 159 -12.92 -12.99 -3.22
CA SER A 159 -11.51 -13.28 -3.38
C SER A 159 -10.69 -12.09 -2.93
N GLN A 160 -9.42 -12.35 -2.62
CA GLN A 160 -8.52 -11.29 -2.22
C GLN A 160 -7.18 -11.64 -2.79
N GLU A 161 -6.42 -10.62 -3.17
CA GLU A 161 -5.10 -10.85 -3.73
C GLU A 161 -4.06 -9.88 -3.15
N SER A 162 -2.80 -10.31 -3.19
CA SER A 162 -1.70 -9.46 -2.79
C SER A 162 -0.54 -9.73 -3.78
N VAL A 163 0.32 -8.73 -3.95
CA VAL A 163 1.43 -8.77 -4.91
C VAL A 163 2.75 -8.54 -4.17
N THR A 164 3.79 -9.28 -4.51
CA THR A 164 5.08 -9.04 -3.87
C THR A 164 5.70 -7.72 -4.39
N GLU A 165 6.72 -7.22 -3.72
CA GLU A 165 7.41 -6.05 -4.21
C GLU A 165 8.32 -6.55 -5.36
N GLN A 166 8.71 -5.67 -6.28
CA GLN A 166 9.55 -6.05 -7.42
C GLN A 166 10.75 -6.81 -6.94
N ASP A 167 11.06 -7.95 -7.54
CA ASP A 167 12.21 -8.74 -7.08
C ASP A 167 13.52 -8.01 -7.40
N SER A 168 14.44 -7.89 -6.44
CA SER A 168 15.71 -7.18 -6.69
C SER A 168 16.67 -7.85 -7.70
N LYS A 169 16.48 -9.12 -8.01
CA LYS A 169 17.33 -9.82 -8.97
C LYS A 169 16.62 -10.01 -10.33
N ASP A 170 15.38 -10.45 -10.27
CA ASP A 170 14.47 -10.74 -11.39
C ASP A 170 13.84 -9.53 -12.06
N SER A 171 13.45 -8.60 -11.21
CA SER A 171 12.66 -7.41 -11.62
C SER A 171 11.26 -7.84 -11.94
N THR A 172 10.86 -9.04 -11.53
CA THR A 172 9.50 -9.54 -11.81
C THR A 172 8.63 -9.41 -10.55
N TYR A 173 7.33 -9.62 -10.68
CA TYR A 173 6.40 -9.59 -9.55
C TYR A 173 5.73 -10.94 -9.50
N SER A 174 5.12 -11.25 -8.36
CA SER A 174 4.34 -12.49 -8.22
C SER A 174 3.03 -12.07 -7.55
N LEU A 175 1.96 -12.80 -7.83
CA LEU A 175 0.66 -12.45 -7.28
C LEU A 175 -0.09 -13.71 -6.78
N SER A 176 -0.65 -13.58 -5.58
CA SER A 176 -1.41 -14.64 -4.98
C SER A 176 -2.84 -14.21 -4.85
N SER A 177 -3.77 -15.02 -5.37
CA SER A 177 -5.18 -14.71 -5.19
C SER A 177 -5.94 -15.87 -4.50
N THR A 178 -6.65 -15.57 -3.40
CA THR A 178 -7.43 -16.55 -2.67
C THR A 178 -8.95 -16.42 -2.88
N LEU A 179 -9.59 -17.48 -3.38
CA LEU A 179 -11.06 -17.55 -3.51
C LEU A 179 -11.53 -18.29 -2.22
N THR A 180 -12.45 -17.70 -1.46
CA THR A 180 -12.92 -18.31 -0.24
C THR A 180 -14.43 -18.65 -0.26
N LEU A 181 -14.78 -19.88 0.08
CA LEU A 181 -16.19 -20.27 0.06
C LEU A 181 -16.43 -21.16 1.25
N SER A 182 -17.67 -21.26 1.69
CA SER A 182 -17.96 -22.21 2.75
C SER A 182 -17.74 -23.64 2.17
N LYS A 183 -17.51 -24.60 3.05
CA LYS A 183 -17.33 -25.96 2.60
C LYS A 183 -18.60 -26.33 1.85
N ALA A 184 -19.76 -25.97 2.39
CA ALA A 184 -21.01 -26.30 1.70
C ALA A 184 -21.08 -25.82 0.27
N ASP A 185 -20.87 -24.53 0.04
CA ASP A 185 -20.91 -23.99 -1.33
C ASP A 185 -19.86 -24.68 -2.17
N TYR A 186 -18.70 -24.89 -1.58
CA TYR A 186 -17.64 -25.52 -2.30
C TYR A 186 -18.14 -26.82 -2.89
N GLU A 187 -18.80 -27.60 -2.06
CA GLU A 187 -19.29 -28.92 -2.45
C GLU A 187 -20.37 -28.91 -3.51
N LYS A 188 -21.01 -27.76 -3.69
CA LYS A 188 -22.07 -27.69 -4.68
C LYS A 188 -21.59 -27.42 -6.10
N HIS A 189 -20.29 -27.47 -6.36
CA HIS A 189 -19.81 -27.16 -7.71
C HIS A 189 -18.66 -28.05 -8.10
N LYS A 190 -18.29 -28.07 -9.37
CA LYS A 190 -17.17 -28.94 -9.75
C LYS A 190 -15.95 -28.27 -10.38
N VAL A 191 -16.15 -27.40 -11.36
CA VAL A 191 -15.02 -26.77 -12.04
C VAL A 191 -14.60 -25.44 -11.42
N TYR A 192 -13.43 -25.42 -10.78
CA TYR A 192 -12.86 -24.24 -10.16
C TYR A 192 -11.77 -23.77 -11.08
N GLU A 193 -11.92 -22.56 -11.61
CA GLU A 193 -10.97 -22.01 -12.58
C GLU A 193 -10.43 -20.64 -12.24
N CYS A 194 -9.14 -20.44 -12.52
CA CYS A 194 -8.44 -19.18 -12.31
C CYS A 194 -8.04 -18.70 -13.73
N GLU A 195 -8.69 -17.65 -14.21
CA GLU A 195 -8.39 -17.09 -15.53
C GLU A 195 -7.42 -15.92 -15.41
N VAL A 196 -6.35 -15.92 -16.18
CA VAL A 196 -5.35 -14.87 -16.04
C VAL A 196 -5.06 -14.07 -17.29
N THR A 197 -5.15 -12.75 -17.21
CA THR A 197 -4.85 -11.89 -18.36
C THR A 197 -3.59 -11.12 -18.02
N HIS A 198 -2.70 -11.04 -19.00
CA HIS A 198 -1.44 -10.34 -18.79
C HIS A 198 -0.83 -10.00 -20.12
N GLN A 199 -0.06 -8.94 -20.14
CA GLN A 199 0.54 -8.51 -21.38
C GLN A 199 1.40 -9.56 -22.07
N GLY A 200 2.09 -10.37 -21.30
CA GLY A 200 2.94 -11.40 -21.90
C GLY A 200 2.20 -12.64 -22.40
N LEU A 201 0.89 -12.67 -22.28
CA LEU A 201 0.16 -13.84 -22.69
C LEU A 201 -0.63 -13.46 -23.92
N SER A 202 -0.39 -14.20 -25.00
CA SER A 202 -1.09 -13.98 -26.27
C SER A 202 -2.61 -13.87 -25.99
N SER A 203 -3.16 -14.78 -25.21
CA SER A 203 -4.58 -14.69 -24.87
C SER A 203 -4.59 -15.22 -23.45
N PRO A 204 -5.72 -15.05 -22.73
CA PRO A 204 -5.88 -15.49 -21.35
C PRO A 204 -5.60 -16.95 -21.11
N VAL A 205 -4.94 -17.25 -20.02
CA VAL A 205 -4.65 -18.62 -19.73
C VAL A 205 -5.56 -19.03 -18.57
N THR A 206 -6.10 -20.24 -18.63
CA THR A 206 -6.92 -20.70 -17.54
C THR A 206 -6.33 -21.99 -16.92
N LYS A 207 -6.25 -22.02 -15.58
CA LYS A 207 -5.78 -23.19 -14.87
C LYS A 207 -6.97 -23.59 -14.03
N SER A 208 -7.31 -24.87 -14.05
CA SER A 208 -8.43 -25.35 -13.28
C SER A 208 -8.35 -26.80 -12.88
N PHE A 209 -9.33 -27.18 -12.07
CA PHE A 209 -9.50 -28.53 -11.58
C PHE A 209 -10.98 -28.83 -11.33
N ASN A 210 -11.31 -30.11 -11.30
CA ASN A 210 -12.67 -30.49 -10.99
C ASN A 210 -12.61 -31.00 -9.58
N ARG A 211 -13.47 -30.45 -8.73
CA ARG A 211 -13.50 -30.84 -7.33
C ARG A 211 -13.80 -32.31 -7.18
N GLY A 212 -13.14 -32.92 -6.20
CA GLY A 212 -13.37 -34.32 -5.91
C GLY A 212 -12.88 -35.31 -6.96
N GLU A 213 -12.44 -34.83 -8.11
CA GLU A 213 -11.96 -35.77 -9.10
C GLU A 213 -10.74 -36.44 -8.45
N CYS A 214 -10.78 -38.06 -8.46
CA CYS A 214 -9.67 -38.78 -7.84
C CYS A 214 -9.08 -39.89 -8.69
N ARG B 1 16.48 22.41 12.42
CA ARG B 1 15.96 21.09 11.95
C ARG B 1 14.57 20.78 12.55
N ILE B 2 13.64 20.56 11.64
CA ILE B 2 12.29 20.25 12.00
C ILE B 2 12.07 18.75 12.01
N THR B 3 11.48 18.25 13.07
CA THR B 3 11.17 16.84 13.06
C THR B 3 9.76 16.70 13.68
N LEU B 4 9.00 15.71 13.22
CA LEU B 4 7.67 15.40 13.77
C LEU B 4 7.62 13.92 13.97
N LYS B 5 6.82 13.50 14.96
CA LYS B 5 6.60 12.10 15.25
C LYS B 5 5.19 11.82 15.80
N GLU B 6 4.54 10.84 15.18
CA GLU B 6 3.20 10.43 15.55
C GLU B 6 3.18 9.39 16.67
N SER B 7 2.19 9.46 17.55
CA SER B 7 2.06 8.42 18.58
C SER B 7 0.56 8.17 18.83
N GLY B 8 0.22 6.97 19.29
CA GLY B 8 -1.16 6.60 19.60
C GLY B 8 -1.26 5.08 19.62
N PRO B 9 -2.47 4.52 19.72
CA PRO B 9 -2.62 3.07 19.75
C PRO B 9 -2.43 2.38 18.40
N PRO B 10 -1.70 1.24 18.35
CA PRO B 10 -1.52 0.58 17.05
C PRO B 10 -2.75 -0.18 16.64
N LEU B 11 -3.53 -0.52 17.63
CA LEU B 11 -4.74 -1.29 17.39
C LEU B 11 -5.95 -0.64 17.95
N VAL B 12 -7.04 -0.61 17.20
CA VAL B 12 -8.25 -0.04 17.71
C VAL B 12 -9.42 -0.83 17.19
N LYS B 13 -10.46 -0.93 18.01
CA LYS B 13 -11.67 -1.69 17.61
C LYS B 13 -12.74 -0.80 16.99
N PRO B 14 -13.50 -1.37 16.07
CA PRO B 14 -14.58 -0.69 15.39
C PRO B 14 -15.47 -0.01 16.42
N THR B 15 -16.05 1.11 16.02
CA THR B 15 -16.91 2.04 16.76
C THR B 15 -16.10 2.84 17.77
N GLN B 16 -14.87 2.41 18.07
CA GLN B 16 -14.12 3.17 19.05
C GLN B 16 -13.58 4.50 18.53
N THR B 17 -13.05 5.28 19.47
CA THR B 17 -12.47 6.57 19.19
C THR B 17 -10.93 6.47 19.18
N LEU B 18 -10.34 7.04 18.13
CA LEU B 18 -8.91 7.04 17.92
C LEU B 18 -8.36 8.43 18.11
N THR B 19 -7.38 8.56 19.00
CA THR B 19 -6.70 9.80 19.31
C THR B 19 -5.22 9.63 18.92
N LEU B 20 -4.77 10.48 18.02
CA LEU B 20 -3.40 10.45 17.52
C LEU B 20 -2.75 11.78 17.91
N THR B 21 -1.50 11.68 18.38
CA THR B 21 -0.73 12.82 18.78
C THR B 21 0.52 13.03 17.87
N CYS B 22 0.73 14.27 17.47
CA CYS B 22 1.89 14.63 16.67
C CYS B 22 2.70 15.49 17.59
N SER B 23 3.90 15.06 17.96
CA SER B 23 4.79 15.87 18.85
C SER B 23 5.89 16.34 17.90
N PHE B 24 6.26 17.62 17.93
CA PHE B 24 7.27 18.09 17.01
C PHE B 24 8.32 18.98 17.70
N SER B 25 9.41 19.30 16.98
CA SER B 25 10.46 20.18 17.52
C SER B 25 11.02 20.95 16.31
N GLY B 26 11.70 22.08 16.54
CA GLY B 26 12.22 22.88 15.44
C GLY B 26 11.32 24.04 15.00
N PHE B 27 10.09 24.11 15.50
CA PHE B 27 9.22 25.23 15.14
C PHE B 27 8.16 25.35 16.23
N SER B 28 7.42 26.43 16.25
CA SER B 28 6.43 26.54 17.27
C SER B 28 5.10 26.76 16.57
N LEU B 29 4.00 26.27 17.13
CA LEU B 29 2.73 26.51 16.48
C LEU B 29 2.28 27.90 16.83
N SER B 30 3.19 28.72 17.30
CA SER B 30 2.86 30.09 17.54
C SER B 30 3.66 30.88 16.46
N ASP B 31 4.44 30.20 15.63
CA ASP B 31 5.18 30.96 14.62
C ASP B 31 4.18 31.42 13.56
N PHE B 32 4.47 32.53 12.90
CA PHE B 32 3.57 33.08 11.91
C PHE B 32 3.16 32.17 10.77
N GLY B 33 1.86 32.02 10.59
CA GLY B 33 1.26 31.21 9.53
C GLY B 33 1.60 29.75 9.42
N VAL B 34 2.31 29.20 10.42
CA VAL B 34 2.66 27.79 10.32
C VAL B 34 1.42 26.86 10.42
N GLY B 35 1.49 25.70 9.77
CA GLY B 35 0.43 24.71 9.84
C GLY B 35 1.00 23.32 10.13
N VAL B 36 0.12 22.46 10.65
CA VAL B 36 0.48 21.08 10.91
C VAL B 36 -0.79 20.35 10.36
N GLY B 37 -0.59 19.37 9.49
CA GLY B 37 -1.71 18.66 8.88
C GLY B 37 -1.52 17.17 9.14
N TRP B 38 -2.53 16.38 8.81
CA TRP B 38 -2.55 14.96 8.98
C TRP B 38 -2.93 14.36 7.63
N ILE B 39 -2.25 13.29 7.24
CA ILE B 39 -2.49 12.62 5.97
C ILE B 39 -2.45 11.10 6.27
N ARG B 40 -3.25 10.28 5.61
CA ARG B 40 -3.21 8.84 5.95
C ARG B 40 -2.95 8.06 4.68
N GLN B 41 -2.58 6.81 4.86
CA GLN B 41 -2.29 5.98 3.69
C GLN B 41 -2.67 4.52 3.98
N PRO B 42 -3.82 4.06 3.50
CA PRO B 42 -4.21 2.66 3.75
C PRO B 42 -3.17 1.75 3.05
N PRO B 43 -2.90 0.55 3.59
CA PRO B 43 -1.87 -0.26 2.90
C PRO B 43 -2.07 -0.45 1.39
N GLY B 44 -1.00 -0.21 0.64
CA GLY B 44 -1.06 -0.31 -0.80
C GLY B 44 -1.82 0.79 -1.51
N LYS B 45 -2.44 1.72 -0.77
CA LYS B 45 -3.19 2.80 -1.42
C LYS B 45 -2.45 4.16 -1.52
N ALA B 46 -3.15 5.15 -2.07
CA ALA B 46 -2.68 6.52 -2.26
C ALA B 46 -2.76 7.33 -0.97
N LEU B 47 -2.13 8.50 -0.95
CA LEU B 47 -2.19 9.35 0.22
C LEU B 47 -3.55 10.01 0.26
N GLU B 48 -4.07 10.22 1.47
CA GLU B 48 -5.35 10.87 1.60
C GLU B 48 -5.28 11.98 2.67
N TRP B 49 -5.61 13.20 2.26
CA TRP B 49 -5.53 14.35 3.14
C TRP B 49 -6.65 14.30 4.17
N LEU B 50 -6.35 14.59 5.45
CA LEU B 50 -7.36 14.54 6.51
C LEU B 50 -7.75 15.89 7.14
N ALA B 51 -6.76 16.70 7.47
CA ALA B 51 -7.04 17.94 8.15
C ALA B 51 -5.78 18.76 8.36
N ILE B 52 -5.96 20.00 8.75
CA ILE B 52 -4.77 20.80 9.04
C ILE B 52 -5.17 21.86 10.03
N ILE B 53 -4.22 22.31 10.83
CA ILE B 53 -4.48 23.39 11.80
C ILE B 53 -3.33 24.38 11.72
N TYR B 54 -3.65 25.67 11.79
CA TYR B 54 -2.61 26.72 11.73
C TYR B 54 -2.39 27.36 13.09
N SER B 55 -1.27 28.07 13.23
CA SER B 55 -0.95 28.73 14.48
C SER B 55 -2.00 29.80 14.90
N ASP B 56 -2.72 30.42 13.96
CA ASP B 56 -3.77 31.38 14.36
C ASP B 56 -5.06 30.61 14.72
N ASP B 57 -4.95 29.28 14.77
CA ASP B 57 -6.00 28.37 15.15
C ASP B 57 -7.17 28.11 14.16
N ASP B 58 -6.99 28.42 12.88
CA ASP B 58 -8.00 28.14 11.84
C ASP B 58 -7.84 26.62 11.68
N LYS B 59 -8.96 25.90 11.46
CA LYS B 59 -8.95 24.44 11.30
C LYS B 59 -9.70 24.08 10.02
N ARG B 60 -9.28 23.04 9.31
CA ARG B 60 -9.99 22.64 8.10
C ARG B 60 -9.94 21.10 8.05
N TYR B 61 -11.00 20.51 7.54
CA TYR B 61 -11.14 19.07 7.51
C TYR B 61 -11.57 18.56 6.16
N SER B 62 -11.16 17.34 5.91
CA SER B 62 -11.60 16.62 4.74
C SER B 62 -13.15 16.60 4.82
N PRO B 63 -13.85 16.96 3.75
CA PRO B 63 -15.33 16.95 3.80
C PRO B 63 -15.89 15.53 4.02
N SER B 64 -15.27 14.53 3.42
CA SER B 64 -15.69 13.15 3.61
C SER B 64 -15.57 12.63 5.06
N LEU B 65 -14.73 13.26 5.89
CA LEU B 65 -14.53 12.75 7.25
C LEU B 65 -14.87 13.80 8.33
N ASN B 66 -15.31 14.95 7.86
CA ASN B 66 -15.61 16.06 8.73
C ASN B 66 -16.31 15.68 10.02
N THR B 67 -17.42 14.94 9.93
CA THR B 67 -18.15 14.57 11.13
C THR B 67 -17.40 13.71 12.15
N ARG B 68 -16.36 13.00 11.72
CA ARG B 68 -15.66 12.12 12.67
C ARG B 68 -14.30 12.72 13.15
N LEU B 69 -13.86 13.85 12.58
CA LEU B 69 -12.57 14.41 12.97
C LEU B 69 -12.60 15.66 13.80
N THR B 70 -11.66 15.72 14.76
CA THR B 70 -11.46 16.92 15.54
C THR B 70 -9.93 17.15 15.56
N ILE B 71 -9.45 18.33 15.20
CA ILE B 71 -8.02 18.52 15.29
C ILE B 71 -7.83 19.66 16.30
N THR B 72 -6.80 19.57 17.11
CA THR B 72 -6.60 20.61 18.11
C THR B 72 -5.12 20.82 18.36
N LYS B 73 -4.72 21.94 18.92
CA LYS B 73 -3.30 22.05 19.18
C LYS B 73 -2.97 22.37 20.60
N ASP B 74 -1.77 22.02 21.04
CA ASP B 74 -1.36 22.38 22.39
C ASP B 74 0.01 23.03 22.17
N THR B 75 -0.02 24.33 21.97
CA THR B 75 1.12 25.13 21.64
C THR B 75 2.25 25.03 22.59
N SER B 76 1.94 25.03 23.88
CA SER B 76 2.98 24.97 24.90
C SER B 76 3.61 23.59 24.98
N LYS B 77 2.91 22.53 24.54
CA LYS B 77 3.54 21.20 24.54
C LYS B 77 4.10 20.81 23.16
N ASN B 78 3.97 21.72 22.18
CA ASN B 78 4.39 21.42 20.81
C ASN B 78 3.73 20.13 20.32
N GLN B 79 2.43 20.07 20.44
CA GLN B 79 1.72 18.90 19.96
C GLN B 79 0.44 19.30 19.25
N VAL B 80 0.03 18.42 18.33
CA VAL B 80 -1.22 18.60 17.57
C VAL B 80 -1.88 17.26 17.72
N VAL B 81 -3.15 17.29 18.07
CA VAL B 81 -3.90 16.07 18.28
C VAL B 81 -5.04 15.99 17.27
N LEU B 82 -5.24 14.80 16.74
CA LEU B 82 -6.31 14.52 15.81
C LEU B 82 -7.12 13.37 16.46
N VAL B 83 -8.40 13.63 16.63
CA VAL B 83 -9.32 12.65 17.20
C VAL B 83 -10.29 12.20 16.15
N MET B 84 -10.34 10.89 15.89
CA MET B 84 -11.27 10.34 14.92
C MET B 84 -12.25 9.42 15.67
N THR B 85 -13.53 9.69 15.53
CA THR B 85 -14.53 8.90 16.24
C THR B 85 -15.08 7.84 15.37
N ARG B 86 -15.76 6.89 16.00
CA ARG B 86 -16.46 5.83 15.26
C ARG B 86 -15.63 5.19 14.14
N VAL B 87 -14.45 4.71 14.48
CA VAL B 87 -13.66 4.10 13.41
C VAL B 87 -14.23 2.80 12.97
N SER B 88 -13.88 2.43 11.74
CA SER B 88 -14.30 1.17 11.19
C SER B 88 -13.05 0.56 10.50
N PRO B 89 -13.12 -0.69 10.06
CA PRO B 89 -11.95 -1.30 9.40
C PRO B 89 -11.28 -0.51 8.27
N VAL B 90 -12.07 0.19 7.44
CA VAL B 90 -11.48 0.98 6.34
C VAL B 90 -10.59 2.13 6.84
N ASP B 91 -10.61 2.41 8.13
CA ASP B 91 -9.75 3.43 8.68
C ASP B 91 -8.35 2.82 8.97
N THR B 92 -8.12 1.54 8.67
CA THR B 92 -6.77 1.05 8.97
C THR B 92 -5.84 1.70 7.93
N ALA B 93 -4.78 2.30 8.41
CA ALA B 93 -3.87 3.02 7.53
C ALA B 93 -2.67 3.46 8.31
N THR B 94 -1.65 3.93 7.60
CA THR B 94 -0.54 4.55 8.27
C THR B 94 -0.94 6.06 8.28
N TYR B 95 -0.85 6.68 9.45
CA TYR B 95 -1.22 8.09 9.66
C TYR B 95 0.02 8.94 9.82
N PHE B 96 0.17 10.01 9.01
CA PHE B 96 1.33 10.90 9.10
C PHE B 96 0.90 12.32 9.48
N CYS B 97 1.70 13.03 10.29
CA CYS B 97 1.43 14.45 10.52
C CYS B 97 2.55 15.16 9.73
N ALA B 98 2.35 16.41 9.38
CA ALA B 98 3.35 17.08 8.59
C ALA B 98 3.29 18.62 8.81
N HIS B 99 4.45 19.24 8.61
CA HIS B 99 4.63 20.64 8.74
C HIS B 99 4.34 21.33 7.45
N ARG B 100 3.74 22.51 7.57
CA ARG B 100 3.46 23.39 6.45
C ARG B 100 4.04 24.76 6.81
N ARG B 101 4.92 25.26 5.99
CA ARG B 101 5.53 26.56 6.22
C ARG B 101 4.51 27.67 6.11
N GLY B 102 4.79 28.77 6.80
CA GLY B 102 3.94 29.96 6.68
C GLY B 102 4.67 30.88 5.68
N PRO B 103 4.10 32.01 5.20
CA PRO B 103 4.83 32.87 4.24
C PRO B 103 6.17 33.38 4.78
N THR B 104 7.11 33.56 3.86
CA THR B 104 8.37 34.14 4.29
C THR B 104 8.09 35.61 4.66
N THR B 105 8.77 36.09 5.69
CA THR B 105 8.64 37.47 6.12
C THR B 105 10.00 38.22 6.06
N LEU B 106 9.93 39.53 5.89
CA LEU B 106 11.15 40.33 5.84
C LEU B 106 10.81 41.43 6.81
N PHE B 107 11.61 41.51 7.88
CA PHE B 107 11.38 42.47 8.97
C PHE B 107 9.90 42.34 9.32
N GLY B 108 9.48 41.08 9.57
CA GLY B 108 8.11 40.82 9.94
C GLY B 108 7.08 41.36 8.98
N VAL B 109 7.37 41.21 7.70
CA VAL B 109 6.41 41.60 6.68
C VAL B 109 6.36 40.43 5.70
N PRO B 110 5.17 39.89 5.48
CA PRO B 110 4.98 38.76 4.56
C PRO B 110 5.33 39.24 3.14
N ILE B 111 6.26 38.55 2.50
CA ILE B 111 6.71 38.91 1.15
C ILE B 111 6.67 37.77 0.16
N ALA B 112 6.62 36.53 0.65
CA ALA B 112 6.54 35.37 -0.26
C ALA B 112 5.60 34.28 0.22
N ARG B 113 4.59 33.97 -0.58
CA ARG B 113 3.68 32.91 -0.17
C ARG B 113 3.99 31.56 -0.86
N GLY B 114 4.88 31.56 -1.85
CA GLY B 114 5.23 30.31 -2.52
C GLY B 114 5.64 29.22 -1.51
N PRO B 115 6.39 29.52 -0.43
CA PRO B 115 6.73 28.41 0.46
C PRO B 115 5.59 27.67 1.18
N VAL B 116 4.37 28.23 1.18
CA VAL B 116 3.28 27.51 1.83
C VAL B 116 2.73 26.44 0.93
N ASN B 117 3.14 26.42 -0.33
CA ASN B 117 2.55 25.42 -1.21
C ASN B 117 3.24 24.04 -1.24
N ALA B 118 3.16 23.36 -0.10
CA ALA B 118 3.71 22.00 0.08
C ALA B 118 3.63 21.68 1.57
N MET B 119 3.72 20.39 1.93
CA MET B 119 3.85 20.00 3.33
C MET B 119 5.33 19.57 3.23
N ASP B 120 6.22 20.38 3.82
CA ASP B 120 7.70 20.19 3.68
C ASP B 120 8.45 19.19 4.52
N VAL B 121 7.91 18.86 5.72
CA VAL B 121 8.56 17.87 6.58
C VAL B 121 7.49 16.96 7.15
N TRP B 122 7.76 15.67 7.07
CA TRP B 122 6.82 14.65 7.50
C TRP B 122 7.30 13.81 8.66
N GLY B 123 6.37 13.24 9.44
CA GLY B 123 6.78 12.36 10.51
C GLY B 123 6.93 10.96 9.86
N GLN B 124 7.58 10.04 10.55
CA GLN B 124 7.75 8.67 10.02
C GLN B 124 6.38 7.97 9.74
N GLY B 125 5.33 8.32 10.47
CA GLY B 125 4.04 7.69 10.23
C GLY B 125 3.77 6.64 11.30
N ILE B 126 2.51 6.50 11.68
CA ILE B 126 2.18 5.50 12.66
C ILE B 126 1.10 4.58 12.07
N THR B 127 1.36 3.30 12.13
CA THR B 127 0.45 2.29 11.59
C THR B 127 -0.67 1.97 12.55
N VAL B 128 -1.90 2.12 12.10
CA VAL B 128 -3.07 1.84 12.93
C VAL B 128 -3.96 0.78 12.25
N THR B 129 -4.28 -0.26 13.01
CA THR B 129 -5.11 -1.33 12.51
C THR B 129 -6.46 -1.32 13.23
N ILE B 130 -7.53 -1.33 12.47
CA ILE B 130 -8.85 -1.35 13.09
C ILE B 130 -9.49 -2.72 12.88
N SER B 131 -9.62 -3.44 13.99
CA SER B 131 -10.19 -4.79 13.98
C SER B 131 -10.76 -5.12 15.37
N SER B 132 -11.86 -5.87 15.38
CA SER B 132 -12.44 -6.27 16.66
C SER B 132 -11.76 -7.54 17.14
N THR B 133 -10.94 -8.47 16.25
CA THR B 133 -10.30 -9.73 16.62
C THR B 133 -9.41 -9.77 17.87
N SER B 134 -9.28 -10.53 18.60
CA SER B 134 -8.39 -10.75 19.74
C SER B 134 -7.17 -11.49 19.16
N THR B 135 -6.07 -11.46 19.89
CA THR B 135 -4.89 -12.18 19.47
C THR B 135 -5.27 -13.63 19.11
N LYS B 136 -4.74 -14.14 18.00
CA LYS B 136 -5.04 -15.50 17.57
C LYS B 136 -4.01 -16.12 16.62
N GLY B 137 -3.61 -17.36 16.89
CA GLY B 137 -2.63 -18.02 16.04
C GLY B 137 -3.23 -18.55 14.74
N PRO B 138 -2.40 -18.64 13.67
CA PRO B 138 -2.82 -19.12 12.35
C PRO B 138 -3.04 -20.62 12.24
N SER B 139 -3.87 -21.02 11.29
CA SER B 139 -4.07 -22.42 10.96
C SER B 139 -3.15 -22.51 9.75
N VAL B 140 -2.40 -23.58 9.61
CA VAL B 140 -1.52 -23.66 8.47
C VAL B 140 -1.94 -24.79 7.56
N PHE B 141 -2.20 -24.50 6.30
CA PHE B 141 -2.63 -25.55 5.39
C PHE B 141 -1.68 -25.69 4.25
N PRO B 142 -1.59 -26.89 3.66
CA PRO B 142 -0.68 -27.13 2.53
C PRO B 142 -1.21 -26.61 1.23
N LEU B 143 -0.32 -26.19 0.35
CA LEU B 143 -0.69 -25.74 -0.99
C LEU B 143 0.14 -26.73 -1.84
N ALA B 144 -0.53 -27.69 -2.46
CA ALA B 144 0.21 -28.67 -3.27
C ALA B 144 -0.28 -28.74 -4.71
N PRO B 145 0.69 -28.93 -5.63
CA PRO B 145 0.51 -29.04 -7.10
C PRO B 145 -0.60 -30.03 -7.60
N GLY B 152 11.22 -23.59 -17.06
CA GLY B 152 9.82 -23.32 -17.38
C GLY B 152 8.86 -24.34 -16.78
N ALA B 153 9.34 -25.58 -16.73
CA ALA B 153 8.65 -26.78 -16.18
C ALA B 153 8.95 -26.81 -14.67
N ALA B 154 8.57 -25.69 -14.06
CA ALA B 154 8.73 -25.46 -12.65
C ALA B 154 7.46 -25.99 -11.99
N ALA B 155 7.58 -26.41 -10.75
CA ALA B 155 6.44 -26.91 -9.98
C ALA B 155 6.30 -25.93 -8.80
N ALA B 156 5.10 -25.79 -8.24
CA ALA B 156 4.94 -24.86 -7.13
C ALA B 156 4.24 -25.47 -5.93
N LEU B 157 4.64 -25.06 -4.75
CA LEU B 157 3.91 -25.53 -3.59
C LEU B 157 4.03 -24.47 -2.51
N GLY B 158 3.28 -24.62 -1.43
CA GLY B 158 3.38 -23.61 -0.41
C GLY B 158 2.57 -23.93 0.82
N CYS B 159 2.36 -22.89 1.61
CA CYS B 159 1.60 -22.97 2.84
C CYS B 159 0.70 -21.72 2.88
N LEU B 160 -0.52 -21.91 3.37
CA LEU B 160 -1.56 -20.88 3.47
C LEU B 160 -1.65 -20.70 4.95
N VAL B 161 -1.21 -19.51 5.41
CA VAL B 161 -1.20 -19.19 6.81
C VAL B 161 -2.47 -18.41 7.07
N LYS B 162 -3.49 -19.11 7.56
CA LYS B 162 -4.81 -18.52 7.70
C LYS B 162 -5.39 -18.14 9.05
N ASP B 163 -6.08 -17.00 9.09
CA ASP B 163 -6.79 -16.55 10.29
C ASP B 163 -6.00 -16.25 11.54
N TYR B 164 -5.07 -15.31 11.44
CA TYR B 164 -4.31 -15.00 12.60
C TYR B 164 -4.40 -13.49 12.86
N PHE B 165 -4.05 -13.08 14.07
CA PHE B 165 -4.05 -11.68 14.47
C PHE B 165 -3.21 -11.49 15.73
N PRO B 166 -2.45 -10.38 15.80
CA PRO B 166 -2.32 -9.36 14.75
C PRO B 166 -1.11 -9.71 13.91
N GLU B 167 -0.67 -8.78 13.06
CA GLU B 167 0.58 -8.98 12.29
C GLU B 167 1.69 -8.87 13.37
N PRO B 168 2.89 -9.40 13.09
CA PRO B 168 3.26 -10.09 11.88
C PRO B 168 3.40 -11.56 12.11
N VAL B 169 3.69 -12.29 11.04
CA VAL B 169 4.00 -13.69 11.17
C VAL B 169 5.31 -13.89 10.36
N THR B 170 6.14 -14.87 10.73
CA THR B 170 7.34 -15.13 9.93
C THR B 170 7.25 -16.51 9.31
N VAL B 171 7.69 -16.65 8.07
CA VAL B 171 7.67 -17.93 7.40
C VAL B 171 9.02 -18.14 6.73
N SER B 172 9.57 -19.34 6.87
CA SER B 172 10.79 -19.66 6.17
C SER B 172 10.55 -21.08 5.61
N TRP B 173 11.43 -21.54 4.73
CA TRP B 173 11.35 -22.87 4.16
C TRP B 173 12.60 -23.66 4.58
N ASN B 174 12.41 -24.94 4.90
CA ASN B 174 13.47 -25.85 5.35
C ASN B 174 14.38 -25.19 6.34
N SER B 175 13.78 -24.74 7.43
CA SER B 175 14.49 -24.10 8.53
C SER B 175 15.43 -22.99 8.10
N GLY B 176 15.17 -22.38 6.95
CA GLY B 176 16.02 -21.31 6.48
C GLY B 176 16.95 -21.67 5.35
N ALA B 177 17.03 -22.94 4.98
CA ALA B 177 17.93 -23.39 3.92
C ALA B 177 17.37 -23.23 2.53
N LEU B 178 16.05 -23.08 2.43
CA LEU B 178 15.46 -22.91 1.13
C LEU B 178 15.10 -21.44 1.00
N THR B 179 15.72 -20.78 0.02
CA THR B 179 15.48 -19.37 -0.25
C THR B 179 15.21 -19.08 -1.73
N SER B 180 15.90 -19.78 -2.62
CA SER B 180 15.65 -19.43 -4.01
C SER B 180 14.27 -19.91 -4.45
N GLY B 181 13.53 -19.03 -5.13
CA GLY B 181 12.19 -19.38 -5.59
C GLY B 181 11.11 -19.21 -4.52
N VAL B 182 11.47 -18.66 -3.37
CA VAL B 182 10.50 -18.47 -2.32
C VAL B 182 9.81 -17.10 -2.46
N HIS B 183 8.49 -17.08 -2.35
CA HIS B 183 7.75 -15.82 -2.36
C HIS B 183 6.75 -15.86 -1.22
N THR B 184 6.96 -14.98 -0.24
CA THR B 184 6.04 -14.89 0.88
C THR B 184 5.26 -13.58 0.62
N PHE B 185 3.97 -13.68 0.33
CA PHE B 185 3.16 -12.51 0.05
C PHE B 185 2.72 -11.72 1.26
N PRO B 186 2.44 -10.43 1.05
CA PRO B 186 1.97 -9.61 2.18
C PRO B 186 0.58 -10.16 2.51
N ALA B 187 0.27 -10.16 3.79
CA ALA B 187 -1.02 -10.65 4.31
C ALA B 187 -2.13 -9.68 3.92
N VAL B 188 -3.34 -10.20 3.81
CA VAL B 188 -4.51 -9.39 3.53
C VAL B 188 -5.33 -9.48 4.83
N LEU B 189 -6.03 -8.39 5.16
CA LEU B 189 -6.85 -8.31 6.36
C LEU B 189 -8.20 -8.72 5.82
N GLN B 190 -8.72 -9.88 6.26
CA GLN B 190 -10.01 -10.37 5.80
C GLN B 190 -11.17 -9.61 6.44
N SER B 191 -12.35 -9.72 5.85
CA SER B 191 -13.48 -9.01 6.40
C SER B 191 -13.76 -9.49 7.81
N SER B 192 -13.29 -10.69 8.15
CA SER B 192 -13.49 -11.20 9.50
C SER B 192 -12.63 -10.44 10.52
N GLY B 193 -11.59 -9.73 10.06
CA GLY B 193 -10.71 -9.00 11.00
C GLY B 193 -9.42 -9.78 11.33
N LEU B 194 -9.23 -10.88 10.62
CA LEU B 194 -8.07 -11.73 10.82
C LEU B 194 -7.23 -11.66 9.55
N TYR B 195 -5.94 -11.84 9.69
CA TYR B 195 -5.11 -11.78 8.50
C TYR B 195 -4.98 -13.16 7.85
N SER B 196 -4.49 -13.16 6.62
CA SER B 196 -4.23 -14.40 5.94
C SER B 196 -3.17 -14.14 4.90
N LEU B 197 -2.25 -15.09 4.77
CA LEU B 197 -1.18 -14.99 3.80
C LEU B 197 -0.73 -16.33 3.23
N SER B 198 -0.14 -16.27 2.06
CA SER B 198 0.38 -17.49 1.47
C SER B 198 1.87 -17.26 1.34
N SER B 199 2.62 -18.36 1.31
CA SER B 199 4.05 -18.36 1.11
C SER B 199 4.25 -19.52 0.13
N VAL B 200 4.85 -19.29 -1.02
CA VAL B 200 5.00 -20.40 -1.95
C VAL B 200 6.47 -20.52 -2.33
N VAL B 201 6.79 -21.63 -3.01
CA VAL B 201 8.13 -21.82 -3.51
C VAL B 201 8.06 -22.62 -4.80
N THR B 202 8.84 -22.20 -5.77
CA THR B 202 8.93 -22.83 -7.10
C THR B 202 10.25 -23.60 -7.18
N VAL B 203 10.19 -24.83 -7.70
CA VAL B 203 11.38 -25.67 -7.81
C VAL B 203 11.35 -26.43 -9.12
N PRO B 204 12.53 -26.93 -9.58
CA PRO B 204 12.57 -27.70 -10.84
C PRO B 204 11.61 -28.88 -10.65
N SER B 205 10.73 -29.09 -11.63
CA SER B 205 9.73 -30.16 -11.49
C SER B 205 10.27 -31.54 -11.14
N SER B 206 11.58 -31.60 -10.94
CA SER B 206 12.24 -32.84 -10.59
C SER B 206 12.51 -32.92 -9.07
N SER B 207 12.82 -31.77 -8.46
CA SER B 207 13.17 -31.75 -7.05
C SER B 207 12.11 -32.41 -6.16
N LEU B 208 10.89 -32.42 -6.65
CA LEU B 208 9.79 -33.03 -5.92
C LEU B 208 10.11 -34.45 -5.43
N GLN B 211 14.15 -34.34 -2.88
CA GLN B 211 14.11 -33.20 -1.93
C GLN B 211 12.78 -32.93 -1.11
N THR B 212 12.84 -32.62 0.18
CA THR B 212 11.58 -32.34 0.94
C THR B 212 11.37 -30.84 1.23
N TYR B 213 10.10 -30.46 1.38
CA TYR B 213 9.73 -29.05 1.60
C TYR B 213 8.87 -28.82 2.84
N THR B 214 9.40 -28.07 3.79
CA THR B 214 8.63 -27.82 4.97
C THR B 214 8.61 -26.31 5.28
N CYS B 215 7.42 -25.73 5.48
CA CYS B 215 7.38 -24.29 5.80
C CYS B 215 7.42 -24.16 7.29
N ASN B 216 8.22 -23.22 7.83
CA ASN B 216 8.29 -23.01 9.29
C ASN B 216 7.59 -21.68 9.50
N VAL B 217 6.46 -21.75 10.21
CA VAL B 217 5.61 -20.59 10.47
C VAL B 217 5.69 -20.20 11.92
N ASN B 218 5.79 -18.91 12.19
CA ASN B 218 5.89 -18.49 13.60
C ASN B 218 5.12 -17.19 13.83
N HIS B 219 4.10 -17.23 14.69
CA HIS B 219 3.33 -16.03 15.00
C HIS B 219 3.66 -15.68 16.47
N LYS B 220 4.67 -14.84 16.68
CA LYS B 220 5.09 -14.49 18.05
C LYS B 220 3.97 -14.07 18.96
N PRO B 221 3.10 -13.15 18.51
CA PRO B 221 1.99 -12.66 19.30
C PRO B 221 1.20 -13.70 20.06
N SER B 222 0.93 -14.85 19.44
CA SER B 222 0.16 -15.93 20.08
C SER B 222 0.98 -17.15 20.52
N ASN B 223 2.29 -17.07 20.41
CA ASN B 223 3.16 -18.19 20.76
C ASN B 223 2.70 -19.40 19.96
N THR B 224 2.72 -19.27 18.63
CA THR B 224 2.31 -20.39 17.78
C THR B 224 3.36 -20.71 16.75
N LYS B 225 4.11 -21.80 16.93
CA LYS B 225 5.10 -22.20 15.90
C LYS B 225 4.56 -23.46 15.26
N VAL B 226 4.72 -23.58 13.94
CA VAL B 226 4.22 -24.71 13.24
C VAL B 226 5.21 -25.03 12.13
N ASP B 227 5.50 -26.31 11.91
CA ASP B 227 6.35 -26.69 10.78
C ASP B 227 5.39 -27.58 10.02
N LYS B 228 5.21 -27.32 8.73
CA LYS B 228 4.31 -28.12 7.93
C LYS B 228 5.02 -28.59 6.68
N ARG B 229 5.21 -29.90 6.58
CA ARG B 229 5.87 -30.49 5.43
C ARG B 229 4.79 -30.62 4.36
N VAL B 230 5.10 -30.20 3.16
CA VAL B 230 4.16 -30.21 2.08
C VAL B 230 4.65 -31.11 0.95
N GLU B 231 3.82 -32.01 0.47
CA GLU B 231 4.31 -32.80 -0.66
C GLU B 231 3.26 -32.95 -1.74
N PRO B 232 3.67 -33.49 -2.90
CA PRO B 232 2.76 -33.70 -4.04
C PRO B 232 1.67 -34.78 -3.84
N LYS B 233 0.73 -34.51 -2.91
CA LYS B 233 -0.40 -35.41 -2.53
C LYS B 233 -0.40 -36.88 -3.07
N SER B 234 -1.56 -37.38 -3.49
CA SER B 234 -1.70 -38.75 -4.03
C SER B 234 -1.03 -39.87 -3.19
N CYS B 235 -1.12 -39.81 -1.83
CA CYS B 235 -0.53 -40.75 -0.80
C CYS B 235 1.03 -40.75 -0.64
N GLU C 1 -13.84 25.22 -0.81
CA GLU C 1 -13.60 26.69 -0.75
C GLU C 1 -12.11 26.93 -1.01
N LEU C 2 -11.71 28.18 -1.21
CA LEU C 2 -10.31 28.51 -1.48
C LEU C 2 -9.35 28.32 -0.31
N GLU C 3 -8.12 27.93 -0.61
CA GLU C 3 -7.09 27.70 0.40
C GLU C 3 -6.84 29.00 1.19
N LYS C 4 -6.19 28.88 2.34
CA LYS C 4 -5.91 30.00 3.25
C LYS C 4 -5.12 31.14 2.64
N TRP C 5 -4.08 30.79 1.92
CA TRP C 5 -3.20 31.80 1.37
C TRP C 5 -3.57 32.19 -0.12
N ALA C 6 -4.84 31.90 -0.49
CA ALA C 6 -5.53 32.01 -1.81
C ALA C 6 -5.75 33.09 -2.85
N SER C 7 -4.71 32.83 -3.61
CA SER C 7 -4.16 33.36 -4.83
C SER C 7 -4.24 34.76 -5.46
#